data_2H9T
#
_entry.id   2H9T
#
_cell.length_a   43.966
_cell.length_b   76.202
_cell.length_c   113.848
_cell.angle_alpha   90.000
_cell.angle_beta   90.000
_cell.angle_gamma   90.000
#
_symmetry.space_group_name_H-M   'P 21 21 21'
#
loop_
_entity.id
_entity.type
_entity.pdbx_description
1 polymer Thrombin
2 polymer Thrombin
3 polymer 'PPACK active site thrombin inhibitor'
4 non-polymer "8,8'-[CARBONYLBIS[IMINO-3,1-PHENYLENECARBONYLIMINO(4-METHYL-3,1-PHENYLENE)CARBONYLIMINO]]BIS-1,3,5-NAPHTHALENETRISULFON IC ACID"
5 water water
#
loop_
_entity_poly.entity_id
_entity_poly.type
_entity_poly.pdbx_seq_one_letter_code
_entity_poly.pdbx_strand_id
1 'polypeptide(L)' TFGSGEADCGLRPLFEKKSLEDKTERELLESYIDGR L
2 'polypeptide(L)'
;IVEGSDAEIGMSPWQVMLFRKSPQELLCGASLISDRWVLTAAHCLLYPPWDKNFTENDLLVRIGKHSRTRYERNIEKISM
LEKIYIHPRYNWRENLDRDIALMKLKKPVAFSDYIHPVCLPDRETAASLLQAGYKGRVTGWGNLKETWTANVGKGQPSVL
QVVNLPIVERPVCKDSTRIRITDNMFCAGYKPDEGKRGDACEGDSGGPFVMKSPFNNRWYQMGIVSWGEGCDRDGKYGFY
THVFRLKKWIQKVIDQFGE
;
H
3 'polypeptide(L)' FPR I
#
loop_
_chem_comp.id
_chem_comp.type
_chem_comp.name
_chem_comp.formula
SVR non-polymer '8,8'-[CARBONYLBIS[IMINO-3,1-PHENYLENECARBONYLIMINO(4-METHYL-3,1-PHENYLENE)CARBONYLIMINO]]BIS-1,3,5-NAPHTHALENETRISULFON IC ACID' 'C51 H40 N6 O23 S6'
#
# COMPACT_ATOMS: atom_id res chain seq x y z
N GLU A 6 -11.74 8.52 -9.82
CA GLU A 6 -11.11 9.50 -8.84
C GLU A 6 -12.03 10.70 -8.46
N ALA A 7 -13.25 10.33 -8.11
CA ALA A 7 -14.41 11.16 -7.79
C ALA A 7 -15.39 10.03 -7.50
N ASP A 8 -14.95 8.86 -7.99
CA ASP A 8 -15.55 7.56 -7.71
C ASP A 8 -14.65 6.71 -6.80
N CYS A 9 -13.55 7.31 -6.34
CA CYS A 9 -12.51 6.59 -5.62
C CYS A 9 -12.99 5.84 -4.37
N GLY A 10 -12.28 4.77 -4.04
CA GLY A 10 -12.59 3.99 -2.86
C GLY A 10 -13.98 3.36 -2.80
N LEU A 11 -14.75 3.45 -3.87
CA LEU A 11 -15.97 2.69 -3.97
C LEU A 11 -15.73 1.52 -4.88
N ARG A 12 -15.68 0.30 -4.34
CA ARG A 12 -15.38 -0.89 -5.14
C ARG A 12 -16.56 -1.44 -5.93
N PRO A 13 -16.38 -1.58 -7.27
CA PRO A 13 -17.42 -2.06 -8.18
C PRO A 13 -18.09 -3.35 -7.66
N LEU A 14 -17.33 -4.19 -7.01
CA LEU A 14 -17.84 -5.47 -6.56
C LEU A 14 -18.35 -5.50 -5.10
N PHE A 15 -18.23 -4.40 -4.39
CA PHE A 15 -18.65 -4.35 -2.99
C PHE A 15 -19.57 -3.17 -2.73
N GLU A 16 -19.00 -2.02 -2.44
CA GLU A 16 -19.77 -0.82 -2.21
C GLU A 16 -20.78 -0.60 -3.31
N LYS A 17 -20.27 -0.54 -4.54
CA LYS A 17 -21.10 -0.36 -5.72
C LYS A 17 -22.26 -1.36 -5.77
N LYS A 18 -22.07 -2.55 -5.20
CA LYS A 18 -23.14 -3.56 -5.23
C LYS A 18 -23.74 -3.71 -3.85
N SER A 19 -23.55 -2.75 -2.97
CA SER A 19 -24.00 -2.91 -1.58
C SER A 19 -23.68 -4.26 -0.94
N LEU A 20 -22.63 -4.89 -1.43
CA LEU A 20 -22.08 -6.04 -0.70
C LEU A 20 -20.95 -5.55 0.14
N GLU A 21 -20.83 -6.19 1.29
CA GLU A 21 -19.73 -5.99 2.18
C GLU A 21 -18.68 -7.11 1.97
N ASP A 22 -17.39 -6.79 2.12
CA ASP A 22 -16.39 -7.86 2.09
C ASP A 22 -16.35 -8.67 3.43
N LYS A 23 -15.62 -9.79 3.45
CA LYS A 23 -15.59 -10.67 4.65
C LYS A 23 -15.15 -9.99 5.95
N THR A 24 -14.25 -9.02 5.89
CA THR A 24 -13.51 -8.60 7.08
C THR A 24 -13.56 -7.11 7.31
N GLU A 25 -14.23 -6.44 6.41
CA GLU A 25 -14.51 -5.01 6.46
C GLU A 25 -15.07 -4.53 7.82
N ARG A 26 -15.98 -5.34 8.39
CA ARG A 26 -16.61 -5.00 9.67
C ARG A 26 -15.63 -4.83 10.80
N GLU A 27 -14.64 -5.73 10.87
CA GLU A 27 -13.49 -5.54 11.76
C GLU A 27 -12.95 -4.10 11.76
N LEU A 28 -12.83 -3.50 10.58
CA LEU A 28 -12.31 -2.14 10.48
C LEU A 28 -13.32 -1.21 11.07
N LEU A 29 -14.59 -1.39 10.71
CA LEU A 29 -15.68 -0.56 11.25
C LEU A 29 -15.79 -0.59 12.81
N GLU A 30 -15.67 -1.75 13.43
CA GLU A 30 -15.85 -1.81 14.85
C GLU A 30 -14.64 -1.23 15.55
N SER A 31 -13.50 -1.22 14.87
CA SER A 31 -12.24 -0.67 15.43
C SER A 31 -12.37 0.77 15.81
N TYR A 32 -13.33 1.45 15.17
CA TYR A 32 -13.67 2.87 15.38
C TYR A 32 -14.49 3.13 16.63
N ILE A 33 -15.17 2.11 17.14
CA ILE A 33 -15.92 2.19 18.38
C ILE A 33 -14.95 2.30 19.58
N ILE B 1 2.57 -10.73 3.05
CA ILE B 1 1.64 -10.58 4.18
C ILE B 1 1.75 -11.82 5.06
N VAL B 2 1.92 -11.61 6.35
CA VAL B 2 2.00 -12.72 7.30
C VAL B 2 0.70 -12.79 8.08
N GLU B 3 0.20 -14.01 8.23
CA GLU B 3 -1.06 -14.27 8.95
C GLU B 3 -2.25 -13.55 8.29
N GLY B 4 -2.24 -13.51 6.98
CA GLY B 4 -3.27 -12.79 6.30
C GLY B 4 -4.24 -13.80 5.78
N SER B 5 -5.11 -13.38 4.87
CA SER B 5 -5.99 -14.32 4.21
C SER B 5 -6.08 -13.94 2.73
N ASP B 6 -6.48 -14.90 1.90
CA ASP B 6 -6.73 -14.67 0.48
C ASP B 6 -7.78 -13.56 0.37
N ALA B 7 -7.47 -12.52 -0.42
CA ALA B 7 -8.43 -11.51 -0.73
C ALA B 7 -9.56 -12.12 -1.55
N GLU B 8 -10.69 -11.44 -1.55
CA GLU B 8 -11.79 -11.79 -2.48
C GLU B 8 -11.47 -11.07 -3.78
N ILE B 9 -12.06 -11.54 -4.86
CA ILE B 9 -11.97 -10.85 -6.12
C ILE B 9 -12.60 -9.44 -6.00
N GLY B 10 -11.89 -8.41 -6.49
CA GLY B 10 -12.40 -7.03 -6.51
C GLY B 10 -12.38 -6.38 -5.13
N MET B 11 -11.78 -7.06 -4.17
CA MET B 11 -11.68 -6.56 -2.84
C MET B 11 -10.75 -5.35 -2.78
N SER B 12 -9.62 -5.43 -3.46
CA SER B 12 -8.63 -4.39 -3.42
C SER B 12 -8.28 -4.04 -4.87
N PRO B 13 -9.19 -3.39 -5.59
CA PRO B 13 -9.04 -3.23 -7.00
C PRO B 13 -8.07 -2.13 -7.38
N TRP B 14 -7.58 -1.40 -6.40
CA TRP B 14 -6.47 -0.49 -6.60
C TRP B 14 -5.10 -1.18 -6.38
N GLN B 15 -5.10 -2.47 -6.12
CA GLN B 15 -3.83 -3.16 -5.93
C GLN B 15 -3.07 -3.16 -7.23
N VAL B 16 -1.84 -2.70 -7.17
CA VAL B 16 -1.02 -2.67 -8.34
C VAL B 16 0.20 -3.51 -8.05
N MET B 17 0.60 -4.34 -9.02
CA MET B 17 1.81 -5.12 -8.94
C MET B 17 2.99 -4.38 -9.64
N LEU B 18 4.07 -4.07 -8.92
CA LEU B 18 5.36 -3.56 -9.48
C LEU B 18 6.28 -4.68 -9.96
N PHE B 19 6.47 -4.75 -11.25
CA PHE B 19 7.01 -5.97 -11.86
C PHE B 19 8.20 -5.64 -12.70
N ARG B 20 9.33 -6.32 -12.45
CA ARG B 20 10.59 -6.13 -13.23
C ARG B 20 10.47 -6.89 -14.55
N LYS B 21 10.89 -6.25 -15.65
CA LYS B 21 10.78 -6.80 -17.01
C LYS B 21 11.70 -8.01 -17.26
N SER B 22 12.99 -7.83 -16.91
CA SER B 22 14.05 -8.78 -17.12
C SER B 22 15.14 -8.64 -16.05
N PRO B 23 15.35 -9.69 -15.24
CA PRO B 23 14.58 -10.93 -15.13
C PRO B 23 13.12 -10.66 -14.74
N GLN B 24 12.18 -11.50 -15.16
CA GLN B 24 10.75 -11.31 -14.89
C GLN B 24 10.51 -11.63 -13.42
N GLU B 25 10.09 -10.62 -12.67
CA GLU B 25 10.25 -10.70 -11.23
C GLU B 25 9.25 -9.72 -10.62
N LEU B 26 8.47 -10.22 -9.65
CA LEU B 26 7.52 -9.41 -8.95
C LEU B 26 8.30 -8.70 -7.89
N LEU B 27 8.30 -7.38 -7.91
CA LEU B 27 9.21 -6.75 -6.99
C LEU B 27 8.57 -5.97 -5.82
N CYS B 28 7.39 -5.39 -6.03
CA CYS B 28 6.72 -4.68 -4.94
C CYS B 28 5.24 -4.61 -5.17
N GLY B 29 4.56 -4.19 -4.14
CA GLY B 29 3.24 -3.68 -4.37
C GLY B 29 3.22 -2.20 -4.72
N ALA B 30 2.00 -1.70 -4.86
CA ALA B 30 1.75 -0.37 -5.31
C ALA B 30 0.23 -0.23 -5.33
N SER B 31 -0.28 0.98 -5.59
CA SER B 31 -1.70 1.19 -5.59
C SER B 31 -2.13 2.21 -6.61
N LEU B 32 -3.37 2.07 -7.08
CA LEU B 32 -3.91 2.89 -8.13
C LEU B 32 -4.68 4.09 -7.52
N ILE B 33 -4.23 5.28 -7.87
CA ILE B 33 -4.89 6.48 -7.34
C ILE B 33 -5.64 7.25 -8.42
N SER B 34 -5.48 6.85 -9.69
CA SER B 34 -6.22 7.37 -10.83
C SER B 34 -6.04 6.35 -11.96
N ASP B 35 -6.54 6.64 -13.16
CA ASP B 35 -6.30 5.76 -14.32
C ASP B 35 -4.83 5.77 -14.76
N ARG B 36 -4.04 6.62 -14.14
CA ARG B 36 -2.83 7.10 -14.80
C ARG B 36 -1.61 7.20 -13.87
N TRP B 37 -1.88 7.12 -12.58
CA TRP B 37 -0.92 7.40 -11.56
C TRP B 37 -0.92 6.25 -10.60
N VAL B 38 0.26 5.75 -10.30
CA VAL B 38 0.39 4.64 -9.35
C VAL B 38 1.38 5.05 -8.24
N LEU B 39 1.01 4.73 -7.02
CA LEU B 39 1.78 5.02 -5.82
C LEU B 39 2.50 3.74 -5.39
N THR B 40 3.79 3.87 -5.05
CA THR B 40 4.49 2.76 -4.46
C THR B 40 5.44 3.34 -3.40
N ALA B 41 6.32 2.50 -2.84
CA ALA B 41 7.42 2.98 -1.99
C ALA B 41 8.63 3.21 -2.82
N ALA B 42 9.35 4.25 -2.43
CA ALA B 42 10.54 4.69 -3.09
C ALA B 42 11.59 3.58 -3.11
N HIS B 43 11.80 2.92 -1.95
CA HIS B 43 12.73 1.79 -1.87
C HIS B 43 12.52 0.64 -2.89
N CYS B 44 11.35 0.58 -3.49
CA CYS B 44 11.05 -0.40 -4.49
C CYS B 44 11.76 -0.04 -5.81
N LEU B 45 12.17 1.23 -5.93
CA LEU B 45 12.75 1.73 -7.19
C LEU B 45 14.21 2.16 -7.03
N LEU B 46 14.53 2.70 -5.86
CA LEU B 46 15.79 3.34 -5.60
C LEU B 46 16.21 2.98 -4.21
N TYR B 47 17.28 2.22 -4.14
CA TYR B 47 17.83 1.79 -2.88
C TYR B 47 19.28 1.39 -3.04
N PRO B 48 20.14 2.41 -3.15
CA PRO B 48 21.59 2.36 -3.23
C PRO B 48 22.23 1.33 -2.27
N PRO B 49 21.81 1.28 -0.99
CA PRO B 49 22.50 0.29 -0.16
C PRO B 49 22.57 -1.08 -0.78
N TRP B 50 21.68 -1.33 -1.75
CA TRP B 50 21.59 -2.63 -2.42
C TRP B 50 21.67 -2.53 -3.94
N ASP B 51 22.22 -1.41 -4.41
CA ASP B 51 22.46 -1.15 -5.84
C ASP B 51 21.19 -1.40 -6.64
N LYS B 52 20.18 -0.65 -6.26
CA LYS B 52 18.89 -0.72 -6.89
C LYS B 52 18.64 0.73 -7.28
N ASN B 53 18.44 0.93 -8.58
CA ASN B 53 18.11 2.22 -9.15
C ASN B 53 17.43 1.94 -10.47
N PHE B 54 16.15 1.55 -10.38
CA PHE B 54 15.35 1.19 -11.55
C PHE B 54 14.94 2.40 -12.32
N THR B 55 15.06 2.35 -13.63
CA THR B 55 14.45 3.36 -14.49
C THR B 55 13.11 2.92 -15.05
N GLU B 56 12.42 3.85 -15.67
CA GLU B 56 11.07 3.60 -16.16
C GLU B 56 11.02 2.33 -17.00
N ASN B 57 11.97 2.19 -17.91
CA ASN B 57 12.00 1.07 -18.83
C ASN B 57 12.32 -0.30 -18.22
N ASP B 58 12.74 -0.33 -16.96
CA ASP B 58 13.04 -1.60 -16.30
C ASP B 58 11.78 -2.25 -15.77
N LEU B 59 10.71 -1.49 -15.60
CA LEU B 59 9.60 -1.96 -14.80
C LEU B 59 8.26 -1.92 -15.50
N LEU B 60 7.36 -2.77 -15.02
CA LEU B 60 5.97 -2.93 -15.50
C LEU B 60 5.11 -2.76 -14.28
N VAL B 61 3.90 -2.32 -14.56
CA VAL B 61 2.86 -2.28 -13.60
C VAL B 61 1.76 -3.23 -14.10
N ARG B 62 1.30 -4.09 -13.21
CA ARG B 62 0.24 -5.01 -13.52
C ARG B 62 -0.88 -4.70 -12.58
N ILE B 63 -2.01 -4.43 -13.17
CA ILE B 63 -3.14 -3.89 -12.45
C ILE B 63 -4.38 -4.79 -12.63
N GLY B 64 -5.20 -4.90 -11.59
CA GLY B 64 -6.43 -5.74 -11.64
C GLY B 64 -6.15 -7.18 -11.29
N LYS B 65 -4.94 -7.45 -10.82
CA LYS B 65 -4.54 -8.82 -10.62
C LYS B 65 -5.09 -9.42 -9.32
N HIS B 66 -5.17 -10.74 -9.32
CA HIS B 66 -5.50 -11.51 -8.12
C HIS B 66 -4.48 -12.65 -7.86
N SER B 67 -4.32 -13.56 -8.83
CA SER B 67 -3.28 -14.52 -8.82
C SER B 67 -1.98 -13.79 -8.80
N ARG B 68 -1.00 -14.35 -8.09
CA ARG B 68 0.34 -13.77 -8.03
C ARG B 68 1.12 -13.99 -9.32
N THR B 69 0.95 -15.16 -9.94
CA THR B 69 1.82 -15.68 -10.96
C THR B 69 1.15 -15.69 -12.32
N ARG B 70 -0.13 -16.04 -12.30
CA ARG B 70 -0.94 -16.30 -13.46
C ARG B 70 -1.26 -15.04 -14.22
N TYR B 71 -1.06 -15.03 -15.54
CA TYR B 71 -1.63 -13.96 -16.34
C TYR B 71 -3.17 -14.09 -16.36
N GLU B 72 -3.82 -12.95 -16.18
CA GLU B 72 -5.28 -12.87 -16.02
C GLU B 72 -5.89 -12.09 -17.18
N ARG B 73 -6.25 -12.89 -18.18
CA ARG B 73 -6.50 -12.49 -19.56
C ARG B 73 -7.23 -11.15 -19.91
N ASN B 74 -8.51 -11.05 -19.54
CA ASN B 74 -9.16 -9.77 -19.83
C ASN B 74 -9.42 -9.03 -18.54
N ILE B 75 -8.43 -9.11 -17.66
CA ILE B 75 -8.63 -8.73 -16.28
C ILE B 75 -7.48 -7.86 -15.95
N GLU B 76 -6.30 -8.46 -15.90
CA GLU B 76 -5.15 -7.66 -15.66
C GLU B 76 -4.84 -6.76 -16.80
N LYS B 77 -4.37 -5.56 -16.44
CA LYS B 77 -3.82 -4.63 -17.40
C LYS B 77 -2.38 -4.24 -17.06
N ILE B 78 -1.60 -4.07 -18.12
CA ILE B 78 -0.16 -3.82 -18.03
C ILE B 78 0.19 -2.44 -18.57
N SER B 79 0.83 -1.61 -17.76
CA SER B 79 1.43 -0.43 -18.30
C SER B 79 2.94 -0.33 -18.07
N MET B 80 3.58 0.24 -19.08
CA MET B 80 4.94 0.74 -18.98
C MET B 80 4.88 2.01 -18.17
N LEU B 81 6.04 2.45 -17.76
CA LEU B 81 6.15 3.59 -16.90
C LEU B 81 6.59 4.77 -17.75
N GLU B 82 5.82 5.85 -17.69
CA GLU B 82 6.23 7.08 -18.34
C GLU B 82 7.29 7.76 -17.52
N LYS B 83 7.05 7.94 -16.22
CA LYS B 83 7.97 8.72 -15.38
C LYS B 83 7.84 8.28 -13.94
N ILE B 84 8.98 8.16 -13.29
CA ILE B 84 9.04 7.85 -11.88
C ILE B 84 9.35 9.09 -11.09
N TYR B 85 8.70 9.24 -9.94
CA TYR B 85 8.98 10.36 -9.09
C TYR B 85 9.16 9.86 -7.72
N ILE B 86 10.35 10.09 -7.19
CA ILE B 86 10.64 9.78 -5.84
C ILE B 86 10.59 11.09 -5.04
N HIS B 87 10.06 11.07 -3.80
CA HIS B 87 10.03 12.23 -2.95
C HIS B 87 11.45 12.78 -2.88
N PRO B 88 11.57 14.12 -2.94
CA PRO B 88 12.94 14.70 -2.96
C PRO B 88 13.72 14.50 -1.66
N ARG B 89 13.02 14.23 -0.57
CA ARG B 89 13.65 14.04 0.73
C ARG B 89 13.56 12.60 1.28
N TYR B 90 13.36 11.70 0.35
CA TYR B 90 13.47 10.29 0.62
C TYR B 90 14.86 10.05 1.20
N ASN B 91 14.85 9.50 2.41
CA ASN B 91 16.04 9.17 3.11
C ASN B 91 16.29 7.68 3.19
N TRP B 92 16.83 7.11 2.10
CA TRP B 92 17.26 5.71 2.08
C TRP B 92 18.41 5.34 3.07
N ARG B 93 19.32 6.27 3.38
CA ARG B 93 20.49 5.93 4.22
C ARG B 93 20.12 5.58 5.66
N GLU B 94 19.15 6.29 6.21
CA GLU B 94 18.89 6.26 7.62
C GLU B 94 17.72 5.35 7.94
N ASN B 95 16.56 5.54 7.31
CA ASN B 95 15.32 5.07 7.90
C ASN B 95 14.13 5.06 6.98
N LEU B 96 14.39 5.25 5.69
CA LEU B 96 13.39 5.17 4.67
C LEU B 96 12.31 6.18 4.94
N ASP B 97 12.77 7.33 5.43
CA ASP B 97 11.89 8.43 5.73
C ASP B 97 11.44 8.94 4.39
N ARG B 98 10.12 9.11 4.26
CA ARG B 98 9.51 9.57 3.02
C ARG B 98 9.74 8.55 1.96
N ASP B 99 9.39 7.31 2.28
CA ASP B 99 9.57 6.17 1.39
C ASP B 99 8.36 6.14 0.49
N ILE B 100 8.39 6.97 -0.55
CA ILE B 100 7.23 7.20 -1.38
C ILE B 100 7.66 7.51 -2.78
N ALA B 101 6.87 7.04 -3.73
CA ALA B 101 7.16 7.32 -5.12
C ALA B 101 5.88 7.30 -5.92
N LEU B 102 5.88 8.08 -6.99
CA LEU B 102 4.80 8.01 -7.97
C LEU B 102 5.27 7.53 -9.29
N MET B 103 4.40 6.80 -9.96
CA MET B 103 4.69 6.34 -11.29
C MET B 103 3.53 6.72 -12.16
N LYS B 104 3.89 7.41 -13.22
CA LYS B 104 2.95 7.88 -14.21
C LYS B 104 2.93 6.81 -15.28
N LEU B 105 1.72 6.30 -15.60
CA LEU B 105 1.58 5.17 -16.48
C LEU B 105 1.57 5.63 -17.92
N LYS B 106 2.25 4.91 -18.81
CA LYS B 106 2.21 5.24 -20.24
C LYS B 106 0.82 5.00 -20.82
N LYS B 107 0.23 3.88 -20.41
CA LYS B 107 -1.03 3.47 -20.94
C LYS B 107 -2.03 3.56 -19.81
N PRO B 108 -2.79 4.67 -19.76
CA PRO B 108 -3.77 4.83 -18.66
C PRO B 108 -4.70 3.66 -18.71
N VAL B 109 -5.28 3.33 -17.58
CA VAL B 109 -6.05 2.12 -17.47
C VAL B 109 -7.60 2.36 -17.51
N ALA B 110 -8.38 1.44 -18.01
CA ALA B 110 -9.86 1.62 -17.89
C ALA B 110 -10.31 1.06 -16.56
N PHE B 111 -11.15 1.76 -15.83
CA PHE B 111 -11.67 1.10 -14.60
C PHE B 111 -12.53 -0.12 -14.94
N SER B 112 -12.59 -1.10 -14.05
CA SER B 112 -13.50 -2.26 -14.21
C SER B 112 -13.86 -2.79 -12.84
N ASP B 113 -14.38 -4.01 -12.79
CA ASP B 113 -14.68 -4.59 -11.52
C ASP B 113 -13.41 -4.86 -10.77
N TYR B 114 -12.31 -5.03 -11.49
CA TYR B 114 -11.05 -5.49 -10.92
C TYR B 114 -10.07 -4.34 -10.77
N ILE B 115 -10.38 -3.20 -11.38
CA ILE B 115 -9.48 -2.03 -11.46
C ILE B 115 -10.30 -0.78 -11.17
N HIS B 116 -10.01 -0.19 -10.03
CA HIS B 116 -10.68 0.97 -9.58
C HIS B 116 -9.73 1.76 -8.68
N PRO B 117 -9.85 3.12 -8.64
CA PRO B 117 -8.82 3.72 -7.75
C PRO B 117 -9.25 3.93 -6.32
N VAL B 118 -8.28 3.88 -5.41
CA VAL B 118 -8.42 4.23 -3.98
C VAL B 118 -8.38 5.75 -3.78
N CYS B 119 -8.89 6.26 -2.66
CA CYS B 119 -8.87 7.70 -2.44
C CYS B 119 -7.66 8.01 -1.67
N LEU B 120 -7.13 9.20 -1.85
CA LEU B 120 -6.18 9.68 -0.91
C LEU B 120 -6.92 10.58 0.05
N PRO B 121 -6.59 10.47 1.36
CA PRO B 121 -7.22 11.21 2.43
C PRO B 121 -6.98 12.72 2.37
N ASP B 122 -8.06 13.49 2.55
CA ASP B 122 -7.99 14.90 2.94
C ASP B 122 -7.60 14.98 4.43
N ARG B 123 -7.25 16.17 4.88
CA ARG B 123 -6.79 16.40 6.23
C ARG B 123 -7.70 15.90 7.33
N GLU B 124 -8.99 16.24 7.23
CA GLU B 124 -10.02 15.81 8.14
C GLU B 124 -10.09 14.29 8.17
N THR B 125 -10.01 13.64 7.01
CA THR B 125 -10.12 12.18 6.96
C THR B 125 -8.85 11.57 7.61
N ALA B 126 -7.69 12.12 7.36
CA ALA B 126 -6.50 11.54 7.96
C ALA B 126 -6.50 11.69 9.51
N ALA B 127 -6.91 12.86 9.97
CA ALA B 127 -6.98 13.13 11.37
C ALA B 127 -8.04 12.24 12.01
N SER B 128 -9.14 11.99 11.30
CA SER B 128 -10.22 11.16 11.85
C SER B 128 -9.90 9.69 11.91
N LEU B 129 -9.26 9.20 10.85
CA LEU B 129 -9.06 7.78 10.68
C LEU B 129 -7.71 7.27 11.21
N LEU B 130 -6.64 8.05 10.99
CA LEU B 130 -5.26 7.66 11.36
C LEU B 130 -5.09 7.87 12.86
N GLN B 131 -5.71 6.98 13.62
CA GLN B 131 -5.75 7.13 15.04
C GLN B 131 -5.38 5.80 15.65
N ALA B 132 -4.61 5.84 16.74
CA ALA B 132 -4.06 4.62 17.29
C ALA B 132 -5.20 3.73 17.70
N GLY B 133 -5.13 2.46 17.31
CA GLY B 133 -6.15 1.53 17.70
C GLY B 133 -7.24 1.40 16.67
N TYR B 134 -7.32 2.35 15.74
CA TYR B 134 -8.12 2.15 14.53
C TYR B 134 -7.43 1.20 13.61
N LYS B 135 -8.24 0.38 12.93
CA LYS B 135 -7.70 -0.65 12.07
C LYS B 135 -7.76 -0.29 10.58
N GLY B 136 -6.66 -0.59 9.92
CA GLY B 136 -6.59 -0.46 8.49
C GLY B 136 -6.27 -1.82 7.90
N ARG B 137 -6.04 -1.85 6.61
CA ARG B 137 -5.92 -3.07 5.87
C ARG B 137 -4.73 -3.00 4.96
N VAL B 138 -3.93 -4.07 4.98
CA VAL B 138 -2.79 -4.20 4.08
C VAL B 138 -3.00 -5.39 3.12
N THR B 139 -2.54 -5.23 1.89
CA THR B 139 -2.67 -6.28 0.95
C THR B 139 -1.37 -6.37 0.22
N GLY B 140 -1.01 -7.57 -0.19
CA GLY B 140 0.12 -7.77 -1.05
C GLY B 140 0.37 -9.22 -1.41
N TRP B 141 1.30 -9.41 -2.32
CA TRP B 141 1.69 -10.72 -2.81
C TRP B 141 3.07 -11.00 -2.22
N GLY B 142 3.34 -10.34 -1.09
CA GLY B 142 4.60 -10.43 -0.37
C GLY B 142 4.74 -11.75 0.35
N ASN B 143 5.91 -11.96 0.93
CA ASN B 143 6.21 -13.20 1.67
C ASN B 143 5.20 -13.47 2.76
N LEU B 144 4.82 -14.73 2.88
CA LEU B 144 3.93 -15.18 3.95
C LEU B 144 4.61 -15.39 5.29
N LYS B 145 5.94 -15.28 5.28
CA LYS B 145 6.79 -15.51 6.46
C LYS B 145 8.16 -14.91 6.10
N GLU B 146 8.91 -14.51 7.13
CA GLU B 146 10.29 -14.08 6.91
C GLU B 146 11.12 -15.19 6.39
N THR B 147 10.79 -16.42 6.81
CA THR B 147 11.69 -17.60 6.90
C THR B 147 13.21 -17.34 6.79
N PRO B 157 2.68 -17.28 -1.98
CA PRO B 157 1.21 -17.02 -2.05
C PRO B 157 0.65 -17.07 -3.45
N SER B 158 -0.33 -17.95 -3.66
CA SER B 158 -0.93 -18.09 -4.98
C SER B 158 -1.75 -16.87 -5.29
N VAL B 159 -2.28 -16.28 -4.26
CA VAL B 159 -3.31 -15.30 -4.47
C VAL B 159 -3.10 -14.08 -3.57
N LEU B 160 -3.66 -12.92 -3.95
CA LEU B 160 -3.40 -11.69 -3.19
C LEU B 160 -3.76 -11.86 -1.73
N GLN B 161 -2.92 -11.33 -0.85
CA GLN B 161 -3.12 -11.51 0.61
C GLN B 161 -3.67 -10.27 1.29
N VAL B 162 -4.49 -10.48 2.32
CA VAL B 162 -5.06 -9.40 3.12
C VAL B 162 -4.97 -9.64 4.60
N VAL B 163 -4.88 -8.53 5.34
CA VAL B 163 -4.98 -8.55 6.78
C VAL B 163 -5.31 -7.13 7.25
N ASN B 164 -6.16 -7.06 8.25
CA ASN B 164 -6.51 -5.83 8.89
C ASN B 164 -5.67 -5.67 10.13
N LEU B 165 -5.21 -4.47 10.40
CA LEU B 165 -4.51 -4.35 11.63
C LEU B 165 -4.51 -2.95 12.27
N PRO B 166 -4.40 -2.90 13.60
CA PRO B 166 -4.53 -1.67 14.37
C PRO B 166 -3.38 -0.70 14.17
N ILE B 167 -3.68 0.59 14.12
CA ILE B 167 -2.61 1.54 14.18
C ILE B 167 -2.05 1.56 15.62
N VAL B 168 -0.73 1.62 15.72
CA VAL B 168 -0.07 1.67 17.01
C VAL B 168 0.29 3.09 17.37
N GLU B 169 0.17 3.42 18.66
CA GLU B 169 0.59 4.75 19.19
C GLU B 169 2.09 5.03 18.97
N ARG B 170 2.39 6.27 18.64
CA ARG B 170 3.72 6.67 18.26
C ARG B 170 4.76 6.17 19.28
N PRO B 171 4.57 6.43 20.59
CA PRO B 171 5.55 5.87 21.54
C PRO B 171 5.81 4.36 21.54
N VAL B 172 4.80 3.51 21.35
CA VAL B 172 5.03 2.08 21.26
C VAL B 172 5.83 1.79 20.01
N CYS B 173 5.44 2.38 18.88
CA CYS B 173 6.23 2.28 17.64
C CYS B 173 7.70 2.60 17.87
N LYS B 174 7.91 3.67 18.61
CA LYS B 174 9.22 4.29 18.73
C LYS B 174 10.11 3.37 19.53
N ASP B 175 9.61 2.85 20.64
CA ASP B 175 10.43 1.97 21.48
C ASP B 175 10.47 0.56 20.93
N SER B 176 9.84 0.31 19.80
CA SER B 176 9.88 -1.06 19.24
C SER B 176 11.17 -1.29 18.44
N THR B 177 11.82 -0.19 18.11
CA THR B 177 12.92 -0.22 17.17
C THR B 177 14.00 0.80 17.49
N ARG B 178 15.21 0.53 17.03
CA ARG B 178 16.30 1.52 17.19
C ARG B 178 16.39 2.46 16.01
N ILE B 179 15.85 2.04 14.86
CA ILE B 179 15.68 2.89 13.70
C ILE B 179 14.95 4.16 14.14
N ARG B 180 15.52 5.30 13.78
CA ARG B 180 14.91 6.55 14.10
C ARG B 180 13.58 6.61 13.34
N ILE B 181 12.51 6.70 14.12
CA ILE B 181 11.13 6.83 13.64
C ILE B 181 10.89 8.29 13.30
N THR B 182 9.84 8.55 12.51
CA THR B 182 9.63 9.86 11.91
C THR B 182 8.15 10.11 11.78
N ASP B 183 7.74 11.38 11.74
CA ASP B 183 6.37 11.77 11.61
C ASP B 183 5.70 11.46 10.26
N ASN B 184 6.52 11.22 9.25
CA ASN B 184 6.08 10.73 7.97
C ASN B 184 6.06 9.19 7.95
N MET B 185 6.10 8.56 9.13
CA MET B 185 5.83 7.12 9.19
C MET B 185 4.71 6.91 10.18
N PHE B 186 3.96 5.84 10.03
CA PHE B 186 3.31 5.26 11.21
C PHE B 186 3.57 3.78 11.27
N CYS B 187 3.29 3.15 12.43
CA CYS B 187 3.35 1.69 12.53
C CYS B 187 1.97 1.07 12.90
N ALA B 188 1.91 -0.24 12.77
CA ALA B 188 0.69 -0.96 12.96
C ALA B 188 0.99 -2.43 13.17
N GLY B 189 0.01 -3.10 13.75
CA GLY B 189 0.07 -4.51 14.05
C GLY B 189 -0.35 -4.68 15.47
N TYR B 190 -0.45 -5.92 15.89
CA TYR B 190 -0.89 -6.18 17.23
C TYR B 190 0.24 -6.16 18.25
N LYS B 191 -0.07 -5.64 19.43
CA LYS B 191 0.79 -5.73 20.61
C LYS B 191 0.72 -7.17 21.10
N PRO B 192 1.81 -7.67 21.72
CA PRO B 192 1.78 -9.05 22.19
C PRO B 192 0.57 -9.41 23.06
N ASP B 193 0.10 -8.52 23.91
CA ASP B 193 -1.01 -8.94 24.75
C ASP B 193 -2.37 -9.04 24.02
N GLU B 194 -2.38 -8.76 22.71
CA GLU B 194 -3.63 -8.59 21.98
C GLU B 194 -4.20 -9.86 21.38
N GLY B 195 -3.32 -10.86 21.24
CA GLY B 195 -3.75 -12.21 20.85
C GLY B 195 -4.18 -12.37 19.40
N LYS B 196 -3.55 -11.61 18.53
CA LYS B 196 -3.85 -11.63 17.08
C LYS B 196 -2.55 -11.27 16.41
N ARG B 197 -2.38 -11.76 15.20
CA ARG B 197 -1.15 -11.63 14.48
C ARG B 197 -1.40 -10.90 13.18
N GLY B 198 -0.33 -10.71 12.44
CA GLY B 198 -0.45 -10.16 11.12
C GLY B 198 0.55 -9.07 10.92
N ASP B 199 1.04 -8.98 9.70
CA ASP B 199 2.01 -7.98 9.35
C ASP B 199 2.16 -8.02 7.83
N ALA B 200 2.67 -6.93 7.26
CA ALA B 200 3.26 -7.03 5.95
C ALA B 200 4.62 -7.67 6.12
N CYS B 201 5.28 -7.97 5.00
CA CYS B 201 6.56 -8.60 5.00
C CYS B 201 7.33 -8.18 3.73
N GLU B 202 8.42 -8.85 3.41
CA GLU B 202 9.23 -8.42 2.28
C GLU B 202 8.47 -8.69 0.99
N GLY B 203 8.46 -7.68 0.12
CA GLY B 203 7.80 -7.73 -1.19
C GLY B 203 6.39 -7.18 -1.16
N ASP B 204 5.92 -6.81 0.04
CA ASP B 204 4.67 -6.08 0.21
C ASP B 204 4.80 -4.59 0.06
N SER B 205 6.04 -4.10 0.10
CA SER B 205 6.27 -2.66 0.05
C SER B 205 5.69 -2.01 -1.17
N GLY B 206 5.37 -0.73 -1.02
CA GLY B 206 4.64 -0.03 -2.04
C GLY B 206 3.16 -0.34 -1.93
N GLY B 207 2.83 -1.41 -1.25
CA GLY B 207 1.46 -1.78 -1.12
C GLY B 207 0.72 -0.83 -0.19
N PRO B 208 -0.60 -0.70 -0.43
CA PRO B 208 -1.47 0.16 0.34
C PRO B 208 -1.80 -0.30 1.73
N PHE B 209 -1.77 0.64 2.68
CA PHE B 209 -2.46 0.51 3.94
C PHE B 209 -3.72 1.43 3.88
N VAL B 210 -4.89 0.81 3.86
CA VAL B 210 -6.13 1.53 3.53
C VAL B 210 -7.09 1.41 4.66
N MET B 211 -8.05 2.33 4.69
CA MET B 211 -9.03 2.43 5.78
C MET B 211 -10.35 2.82 5.18
N LYS B 212 -11.45 2.26 5.67
CA LYS B 212 -12.75 2.55 5.05
C LYS B 212 -13.46 3.58 5.88
N SER B 213 -13.66 4.76 5.33
CA SER B 213 -14.29 5.83 6.05
C SER B 213 -15.69 5.41 6.49
N PRO B 214 -15.97 5.50 7.79
CA PRO B 214 -17.28 5.17 8.25
C PRO B 214 -18.25 6.29 7.85
N PHE B 215 -17.70 7.36 7.30
CA PHE B 215 -18.42 8.57 7.02
C PHE B 215 -18.93 8.70 5.59
N ASN B 216 -18.26 8.09 4.63
CA ASN B 216 -18.66 8.20 3.24
C ASN B 216 -18.51 6.88 2.50
N ASN B 217 -18.19 5.86 3.27
CA ASN B 217 -17.84 4.51 2.85
C ASN B 217 -16.89 4.31 1.68
N ARG B 218 -15.92 5.22 1.62
CA ARG B 218 -14.84 5.14 0.65
C ARG B 218 -13.57 4.62 1.29
N TRP B 219 -12.81 3.84 0.55
CA TRP B 219 -11.47 3.46 1.00
C TRP B 219 -10.49 4.59 0.82
N TYR B 220 -9.68 4.82 1.84
CA TYR B 220 -8.66 5.86 1.75
C TYR B 220 -7.34 5.22 2.02
N GLN B 221 -6.35 5.51 1.20
CA GLN B 221 -5.04 4.99 1.47
C GLN B 221 -4.28 5.87 2.45
N MET B 222 -3.98 5.31 3.62
CA MET B 222 -3.33 6.13 4.61
C MET B 222 -1.79 5.92 4.72
N GLY B 223 -1.34 4.73 4.36
CA GLY B 223 0.04 4.38 4.45
C GLY B 223 0.48 3.58 3.25
N ILE B 224 1.81 3.40 3.18
CA ILE B 224 2.46 2.58 2.19
C ILE B 224 3.40 1.67 2.95
N VAL B 225 3.28 0.36 2.70
CA VAL B 225 4.14 -0.62 3.30
C VAL B 225 5.55 -0.12 2.99
N SER B 226 6.32 0.10 4.03
CA SER B 226 7.60 0.75 3.91
C SER B 226 8.66 -0.19 4.47
N TRP B 227 8.64 -0.44 5.78
CA TRP B 227 9.63 -1.35 6.40
C TRP B 227 9.22 -2.08 7.67
N GLY B 228 10.08 -2.98 8.10
CA GLY B 228 9.94 -3.64 9.36
C GLY B 228 11.24 -4.29 9.70
N GLU B 229 11.24 -5.10 10.75
CA GLU B 229 12.42 -5.87 11.10
C GLU B 229 11.91 -7.28 11.34
N GLY B 230 12.19 -8.18 10.41
CA GLY B 230 11.54 -9.45 10.38
C GLY B 230 10.09 -9.14 10.04
N CYS B 231 9.18 -10.08 10.35
CA CYS B 231 7.82 -9.97 9.93
C CYS B 231 7.07 -10.73 10.97
N ASP B 232 5.97 -10.15 11.39
CA ASP B 232 5.08 -10.66 12.40
C ASP B 232 5.73 -10.99 13.72
N ARG B 233 6.77 -10.26 14.04
CA ARG B 233 7.50 -10.56 15.27
C ARG B 233 6.88 -9.85 16.47
N ASP B 234 6.75 -10.61 17.56
CA ASP B 234 6.18 -10.07 18.80
C ASP B 234 6.94 -8.84 19.22
N GLY B 235 6.23 -7.72 19.45
CA GLY B 235 6.86 -6.54 20.03
C GLY B 235 7.47 -5.71 18.93
N LYS B 236 7.30 -6.18 17.68
CA LYS B 236 7.65 -5.45 16.49
C LYS B 236 6.35 -4.99 15.82
N TYR B 237 6.41 -3.92 15.02
CA TYR B 237 5.31 -3.43 14.15
C TYR B 237 5.81 -3.09 12.75
N GLY B 238 4.89 -3.19 11.79
CA GLY B 238 5.14 -2.77 10.43
C GLY B 238 5.17 -1.25 10.40
N PHE B 239 6.04 -0.69 9.58
CA PHE B 239 6.13 0.73 9.41
C PHE B 239 5.60 1.16 8.06
N TYR B 240 4.96 2.31 8.06
CA TYR B 240 4.16 2.74 6.89
C TYR B 240 4.50 4.16 6.60
N THR B 241 4.62 4.47 5.31
CA THR B 241 4.75 5.82 4.88
C THR B 241 3.39 6.48 5.09
N HIS B 242 3.45 7.59 5.80
CA HIS B 242 2.31 8.40 6.12
C HIS B 242 2.00 9.19 4.85
N VAL B 243 0.96 8.73 4.16
CA VAL B 243 0.61 9.26 2.86
C VAL B 243 0.21 10.69 2.99
N PHE B 244 -0.60 10.98 4.00
CA PHE B 244 -1.10 12.33 4.12
C PHE B 244 -0.01 13.32 4.53
N ARG B 245 0.87 12.95 5.45
CA ARG B 245 2.03 13.82 5.72
C ARG B 245 2.74 14.20 4.44
N LEU B 246 2.63 13.38 3.42
CA LEU B 246 3.38 13.66 2.21
C LEU B 246 2.52 14.10 1.06
N LYS B 247 1.26 14.40 1.30
CA LYS B 247 0.37 14.76 0.21
C LYS B 247 0.71 16.05 -0.55
N LYS B 248 1.46 16.98 0.05
CA LYS B 248 1.92 18.17 -0.70
C LYS B 248 2.73 17.77 -1.95
N TRP B 249 3.73 16.94 -1.75
CA TRP B 249 4.51 16.42 -2.86
C TRP B 249 3.61 15.66 -3.86
N ILE B 250 2.74 14.77 -3.35
CA ILE B 250 1.82 13.98 -4.23
C ILE B 250 1.07 14.91 -5.13
N GLN B 251 0.41 15.89 -4.52
CA GLN B 251 -0.35 16.86 -5.28
C GLN B 251 0.46 17.60 -6.34
N LYS B 252 1.64 18.07 -5.96
CA LYS B 252 2.53 18.77 -6.86
C LYS B 252 2.89 17.96 -8.07
N VAL B 253 3.31 16.70 -7.88
CA VAL B 253 3.62 15.89 -9.03
C VAL B 253 2.34 15.54 -9.84
N ILE B 254 1.28 15.16 -9.17
CA ILE B 254 0.12 14.79 -9.93
C ILE B 254 -0.60 15.94 -10.65
N ASP B 255 -0.52 17.15 -10.12
CA ASP B 255 -1.32 18.22 -10.62
C ASP B 255 -0.62 19.00 -11.72
N GLN B 256 0.65 18.70 -11.95
CA GLN B 256 1.46 19.45 -12.91
C GLN B 256 1.00 19.46 -14.39
N PHE B 257 0.50 18.33 -14.91
CA PHE B 257 0.18 18.23 -16.33
C PHE B 257 -1.31 18.28 -16.71
N GLY B 258 -1.56 18.55 -18.00
CA GLY B 258 -2.85 18.48 -18.63
C GLY B 258 -3.43 17.08 -18.69
N GLU B 259 -4.76 16.97 -18.51
CA GLU B 259 -5.50 15.69 -18.65
C GLU B 259 -5.27 15.07 -20.01
N PHE C 1 14.48 -4.83 7.22
CA PHE C 1 14.28 -3.35 7.22
C PHE C 1 13.40 -3.00 6.02
N PRO C 2 13.97 -2.66 4.83
CA PRO C 2 13.07 -2.15 3.78
C PRO C 2 12.16 -3.25 3.30
N ARG C 3 10.87 -2.98 3.18
CA ARG C 3 9.99 -4.03 2.62
C ARG C 3 9.72 -3.94 1.09
O35 SVR D . 10.98 19.41 3.54
S31 SVR D . 9.89 18.72 2.82
O36 SVR D . 10.09 17.24 2.91
O34 SVR D . 8.59 19.11 3.41
C22 SVR D . 10.03 19.09 1.26
C18 SVR D . 8.99 18.81 0.37
C11 SVR D . 9.07 19.09 -0.98
S17 SVR D . 7.73 18.78 -1.84
O23 SVR D . 6.55 18.61 -0.99
O24 SVR D . 7.35 20.03 -2.50
O25 SVR D . 7.84 17.68 -2.82
C16 SVR D . 11.22 19.66 0.80
C10 SVR D . 11.37 19.96 -0.55
C15 SVR D . 12.61 20.52 -0.99
S21 SVR D . 13.87 20.92 0.02
O28 SVR D . 13.52 22.25 0.63
O29 SVR D . 14.10 19.96 1.12
O30 SVR D . 15.11 21.17 -0.77
C12 SVR D . 12.75 20.82 -2.35
C7 SVR D . 11.73 20.57 -3.24
C6 SVR D . 10.29 19.66 -1.46
C3 SVR D . 10.49 20.03 -2.83
N1 SVR D . 9.61 19.76 -3.90
C2 SVR D . 9.32 20.49 -4.98
O4 SVR D . 9.70 21.64 -5.19
C5 SVR D . 8.49 19.89 -6.06
C8 SVR D . 7.84 20.74 -6.93
C9 SVR D . 8.45 18.51 -6.23
C14 SVR D . 7.67 17.97 -7.25
C20 SVR D . 6.99 18.81 -8.13
C27 SVR D . 6.19 18.21 -9.24
C13 SVR D . 7.07 20.19 -7.96
N19 SVR D . 6.40 21.07 -8.80
C26 SVR D . 6.82 21.34 -10.03
O32 SVR D . 7.83 20.87 -10.55
C33 SVR D . 5.93 22.25 -10.80
C37 SVR D . 4.55 22.04 -10.67
C38 SVR D . 6.44 23.25 -11.64
C40 SVR D . 5.54 24.03 -12.33
C42 SVR D . 4.15 23.84 -12.19
C39 SVR D . 3.65 22.84 -11.35
N41 SVR D . 2.28 22.57 -11.18
C43 SVR D . 1.26 23.20 -11.73
O45 SVR D . 1.45 24.16 -12.46
N44 SVR D . 0.05 22.71 -11.40
C46 SVR D . -1.17 23.23 -11.91
C47 SVR D . -1.41 23.14 -13.29
C48 SVR D . -2.13 23.81 -11.08
C50 SVR D . -3.29 24.33 -11.62
C52 SVR D . -3.57 24.23 -12.99
C49 SVR D . -2.61 23.64 -13.81
C51 SVR D . -2.89 23.55 -15.25
O54 SVR D . -3.34 24.56 -15.79
N53 SVR D . -2.69 22.43 -15.93
C55 SVR D . -3.00 22.42 -17.33
C56 SVR D . -4.33 22.39 -17.77
C57 SVR D . -1.96 22.42 -18.26
C59 SVR D . -0.53 22.42 -17.76
C60 SVR D . -2.23 22.40 -19.63
C62 SVR D . -3.57 22.41 -20.06
C58 SVR D . -4.61 22.42 -19.13
C61 SVR D . -6.02 22.40 -19.65
O64 SVR D . -6.18 22.74 -20.85
N63 SVR D . -7.02 22.09 -18.82
C65 SVR D . -8.31 22.00 -19.32
C67 SVR D . -8.81 23.02 -20.08
C70 SVR D . -10.07 22.97 -20.64
C71 SVR D . -10.85 21.84 -20.43
S75 SVR D . -12.33 21.82 -21.07
O80 SVR D . -13.20 21.49 -19.94
O81 SVR D . -12.65 23.20 -21.56
O82 SVR D . -12.45 20.82 -22.17
C66 SVR D . -9.06 20.83 -19.07
C68 SVR D . -10.36 20.78 -19.64
C72 SVR D . -11.15 19.65 -19.47
C69 SVR D . -8.56 19.72 -18.29
S73 SVR D . -7.15 19.64 -17.47
O77 SVR D . -5.88 19.21 -18.13
O78 SVR D . -6.89 20.95 -16.83
O79 SVR D . -7.49 18.74 -16.33
C74 SVR D . -9.40 18.62 -18.13
C76 SVR D . -10.67 18.60 -18.70
S83 SVR D . -11.64 17.32 -18.58
O85 SVR D . -12.26 17.22 -19.94
O86 SVR D . -10.83 16.07 -18.33
O84 SVR D . -12.73 17.61 -17.60
#